data_3G0X
#
_entry.id   3G0X
#
_cell.length_a   91.045
_cell.length_b   91.045
_cell.length_c   123.762
_cell.angle_alpha   90.00
_cell.angle_beta   90.00
_cell.angle_gamma   120.00
#
_symmetry.space_group_name_H-M   'P 32 2 1'
#
loop_
_entity.id
_entity.type
_entity.pdbx_description
1 polymer 'Dihydroorotate dehydrogenase'
2 non-polymer 'FLAVIN MONONUCLEOTIDE'
3 non-polymer 'OROTIC ACID'
4 non-polymer (2Z)-N-biphenyl-4-yl-2-cyano-3-cyclopropyl-3-hydroxyprop-2-enamide
5 non-polymer 'SULFATE ION'
6 water water
#
_entity_poly.entity_id   1
_entity_poly.type   'polypeptide(L)'
_entity_poly.pdbx_seq_one_letter_code
;MATGDERFYAEHLMPTLQGLLDPESAHRLAVRFTSLGLLPRARFQDSDMLEVRVLGHKFRNPVGIAAGFDKHGEAVDGLY
KMGFGFVEIGSVTPKPQEGNPRPRVFRLPEDQAVINRYGFNSHGLSVVEHRLRARQQKQAKLTEDGLPLGVNLGKNKTSV
DAAEDYAEGVRVLGPLADYLVVNVSSPNTAGLRSLQGKAELRRLLTKVLQERDGLRRVHRPAVLVKIAPDLTSQDKEDIA
SVVKELGIDGLIVTNTTVSRPAGLQGALRSETGGLSGKPLRDLSTQTIREMYALTQGRVPIIGVGGVSSGQDALEKIRAG
ASLVQLYTALTFWGPPVVGKVKRELEALLKEQGFGGVTDAIGADHRR
;
_entity_poly.pdbx_strand_id   A
#
loop_
_chem_comp.id
_chem_comp.type
_chem_comp.name
_chem_comp.formula
FMN non-polymer 'FLAVIN MONONUCLEOTIDE' 'C17 H21 N4 O9 P'
MD7 non-polymer (2Z)-N-biphenyl-4-yl-2-cyano-3-cyclopropyl-3-hydroxyprop-2-enamide 'C19 H16 N2 O2'
ORO non-polymer 'OROTIC ACID' 'C5 H4 N2 O4'
SO4 non-polymer 'SULFATE ION' 'O4 S -2'
#
# COMPACT_ATOMS: atom_id res chain seq x y z
N ASP A 5 -9.72 -17.08 14.46
CA ASP A 5 -10.85 -16.41 15.20
C ASP A 5 -10.41 -15.10 15.90
N GLU A 6 -11.23 -14.05 15.72
CA GLU A 6 -10.83 -12.68 16.06
C GLU A 6 -10.29 -12.53 17.47
N ARG A 7 -11.09 -12.96 18.46
CA ARG A 7 -10.76 -12.68 19.86
C ARG A 7 -9.52 -13.44 20.30
N PHE A 8 -9.42 -14.70 19.85
CA PHE A 8 -8.25 -15.55 20.13
C PHE A 8 -6.92 -14.91 19.66
N TYR A 9 -6.87 -14.48 18.39
CA TYR A 9 -5.72 -13.75 17.85
C TYR A 9 -5.51 -12.39 18.52
N ALA A 10 -6.56 -11.56 18.49
CA ALA A 10 -6.56 -10.27 19.17
C ALA A 10 -6.14 -10.34 20.65
N GLU A 11 -6.69 -11.31 21.39
CA GLU A 11 -6.49 -11.37 22.86
C GLU A 11 -5.39 -12.36 23.33
N HIS A 12 -5.14 -13.42 22.57
CA HIS A 12 -4.13 -14.41 23.00
C HIS A 12 -2.87 -14.53 22.11
N LEU A 13 -3.05 -14.94 20.86
CA LEU A 13 -1.92 -15.21 19.98
C LEU A 13 -0.96 -14.02 19.77
N MET A 14 -1.53 -12.87 19.38
CA MET A 14 -0.73 -11.71 18.95
C MET A 14 0.08 -11.05 20.06
N PRO A 15 -0.58 -10.76 21.22
CA PRO A 15 0.09 -10.30 22.47
C PRO A 15 1.23 -11.23 22.94
N THR A 16 0.96 -12.53 22.95
CA THR A 16 2.03 -13.48 23.32
C THR A 16 3.21 -13.40 22.35
N LEU A 17 2.91 -13.47 21.05
CA LEU A 17 3.93 -13.32 20.01
C LEU A 17 4.71 -12.01 20.21
N GLN A 18 4.00 -10.94 20.58
CA GLN A 18 4.58 -9.59 20.80
C GLN A 18 5.46 -9.52 22.06
N GLY A 19 5.12 -10.29 23.08
CA GLY A 19 5.93 -10.34 24.31
C GLY A 19 7.19 -11.15 24.02
N LEU A 20 7.08 -12.13 23.12
CA LEU A 20 8.23 -12.96 22.88
C LEU A 20 9.28 -12.37 21.95
N LEU A 21 8.91 -11.65 20.87
CA LEU A 21 9.90 -11.29 19.84
C LEU A 21 10.06 -9.78 19.65
N ASP A 22 11.24 -9.28 19.29
CA ASP A 22 11.24 -7.88 18.85
C ASP A 22 10.37 -7.78 17.49
N PRO A 23 9.89 -6.57 17.14
CA PRO A 23 8.91 -6.53 16.02
C PRO A 23 9.54 -6.92 14.68
N GLU A 24 10.82 -6.64 14.48
CA GLU A 24 11.45 -7.12 13.25
C GLU A 24 11.47 -8.66 13.13
N SER A 25 11.82 -9.35 14.24
CA SER A 25 11.78 -10.79 14.23
C SER A 25 10.37 -11.29 14.04
N ALA A 26 9.38 -10.66 14.71
CA ALA A 26 8.01 -11.13 14.58
C ALA A 26 7.58 -11.00 13.09
N HIS A 27 7.95 -9.87 12.47
CA HIS A 27 7.62 -9.67 11.05
C HIS A 27 8.25 -10.79 10.10
N ARG A 28 9.54 -11.06 10.26
CA ARG A 28 10.18 -12.12 9.51
C ARG A 28 9.53 -13.46 9.70
N LEU A 29 9.14 -13.78 10.94
CA LEU A 29 8.48 -15.07 11.17
C LEU A 29 7.10 -15.06 10.57
N ALA A 30 6.38 -13.94 10.66
CA ALA A 30 5.09 -13.81 9.98
C ALA A 30 5.21 -13.98 8.43
N VAL A 31 6.21 -13.40 7.80
CA VAL A 31 6.36 -13.61 6.36
C VAL A 31 6.57 -15.12 6.06
N ARG A 32 7.46 -15.76 6.81
CA ARG A 32 7.69 -17.22 6.65
C ARG A 32 6.43 -18.03 6.80
N PHE A 33 5.71 -17.84 7.89
CA PHE A 33 4.48 -18.62 8.05
C PHE A 33 3.52 -18.39 6.92
N THR A 34 3.37 -17.11 6.54
CA THR A 34 2.42 -16.80 5.47
C THR A 34 2.89 -17.48 4.19
N SER A 35 4.18 -17.42 3.87
CA SER A 35 4.64 -17.93 2.55
C SER A 35 4.48 -19.47 2.47
N LEU A 36 4.56 -20.16 3.61
CA LEU A 36 4.18 -21.61 3.65
C LEU A 36 2.69 -21.86 3.68
N GLY A 37 1.87 -20.84 3.62
CA GLY A 37 0.43 -21.10 3.75
C GLY A 37 -0.04 -21.73 5.08
N LEU A 38 0.63 -21.38 6.20
CA LEU A 38 0.21 -21.80 7.57
C LEU A 38 -0.73 -20.80 8.26
N LEU A 39 -1.99 -20.84 7.84
CA LEU A 39 -2.98 -19.93 8.34
C LEU A 39 -4.24 -20.68 8.03
N PRO A 40 -5.31 -20.40 8.78
CA PRO A 40 -6.59 -20.87 8.23
C PRO A 40 -6.77 -20.29 6.82
N PHE A 44 -14.90 -16.79 5.03
CA PHE A 44 -15.53 -15.62 4.37
C PHE A 44 -15.50 -15.72 2.84
N GLN A 45 -16.69 -15.86 2.24
CA GLN A 45 -16.87 -15.91 0.78
C GLN A 45 -17.22 -14.48 0.31
N ASP A 46 -16.54 -13.96 -0.70
CA ASP A 46 -16.78 -12.54 -1.03
C ASP A 46 -18.09 -12.34 -1.79
N SER A 47 -18.93 -11.45 -1.28
CA SER A 47 -20.13 -10.98 -1.97
C SER A 47 -19.80 -10.19 -3.26
N ASP A 48 -20.58 -10.38 -4.32
CA ASP A 48 -20.51 -9.46 -5.47
C ASP A 48 -20.57 -7.97 -5.13
N MET A 49 -21.20 -7.62 -4.01
CA MET A 49 -21.21 -6.18 -3.61
C MET A 49 -19.80 -5.60 -3.41
N LEU A 50 -18.83 -6.50 -3.19
CA LEU A 50 -17.45 -6.05 -2.84
C LEU A 50 -16.56 -5.97 -4.09
N GLU A 51 -17.10 -6.44 -5.23
CA GLU A 51 -16.25 -6.44 -6.44
C GLU A 51 -16.08 -5.06 -6.97
N VAL A 52 -14.91 -4.67 -7.49
CA VAL A 52 -14.71 -3.37 -8.06
C VAL A 52 -13.92 -3.48 -9.34
N ARG A 53 -14.27 -2.67 -10.34
CA ARG A 53 -13.52 -2.72 -11.57
C ARG A 53 -12.71 -1.41 -11.71
N VAL A 54 -11.39 -1.45 -11.71
CA VAL A 54 -10.69 -0.19 -11.88
C VAL A 54 -9.26 -0.51 -12.34
N LEU A 55 -8.51 0.48 -12.84
CA LEU A 55 -7.10 0.28 -13.29
C LEU A 55 -6.92 -0.81 -14.38
N GLY A 56 -7.97 -1.08 -15.14
CA GLY A 56 -7.91 -2.07 -16.23
C GLY A 56 -8.10 -3.47 -15.71
N HIS A 57 -8.58 -3.60 -14.46
CA HIS A 57 -8.83 -4.90 -13.83
C HIS A 57 -10.13 -5.04 -12.95
N LYS A 58 -10.52 -6.28 -12.72
CA LYS A 58 -11.50 -6.62 -11.75
C LYS A 58 -10.78 -7.01 -10.41
N PHE A 59 -11.32 -6.56 -9.29
CA PHE A 59 -10.79 -6.87 -7.95
C PHE A 59 -11.95 -7.54 -7.24
N ARG A 60 -11.77 -8.78 -6.79
CA ARG A 60 -12.91 -9.42 -6.18
C ARG A 60 -13.33 -8.82 -4.85
N ASN A 61 -12.40 -8.17 -4.13
CA ASN A 61 -12.90 -7.34 -3.00
C ASN A 61 -11.90 -6.18 -2.96
N PRO A 62 -12.21 -5.10 -2.21
CA PRO A 62 -11.37 -3.93 -2.39
C PRO A 62 -10.32 -3.79 -1.32
N VAL A 63 -10.04 -4.84 -0.56
CA VAL A 63 -9.10 -4.76 0.58
C VAL A 63 -7.73 -5.41 0.26
N GLY A 64 -6.65 -4.63 0.18
CA GLY A 64 -5.34 -5.17 -0.22
C GLY A 64 -4.36 -5.10 0.91
N ILE A 65 -3.25 -5.83 0.79
CA ILE A 65 -2.15 -5.67 1.76
C ILE A 65 -1.25 -4.56 1.19
N ALA A 66 -0.90 -3.62 2.04
CA ALA A 66 -0.02 -2.48 1.71
C ALA A 66 1.43 -2.93 1.54
N ALA A 67 2.14 -2.17 0.75
CA ALA A 67 3.59 -2.38 0.60
C ALA A 67 4.31 -2.37 1.94
N GLY A 68 5.38 -3.16 2.00
CA GLY A 68 6.23 -3.17 3.21
C GLY A 68 6.05 -4.50 3.97
N PHE A 69 4.92 -5.19 3.85
CA PHE A 69 4.76 -6.44 4.58
C PHE A 69 5.59 -7.47 3.84
N ASP A 70 5.27 -7.62 2.54
CA ASP A 70 6.06 -8.62 1.71
C ASP A 70 7.02 -7.83 0.80
N LYS A 71 8.14 -7.39 1.33
CA LYS A 71 9.01 -6.45 0.63
C LYS A 71 9.66 -7.15 -0.62
N HIS A 72 9.81 -8.48 -0.55
CA HIS A 72 10.75 -9.15 -1.53
C HIS A 72 9.96 -10.13 -2.36
N GLY A 73 8.63 -10.09 -2.26
CA GLY A 73 7.79 -11.02 -3.03
C GLY A 73 7.81 -12.50 -2.62
N GLU A 74 7.89 -12.82 -1.34
CA GLU A 74 8.01 -14.25 -0.88
C GLU A 74 6.70 -14.86 -0.46
N ALA A 75 5.64 -14.06 -0.31
CA ALA A 75 4.45 -14.56 0.37
C ALA A 75 3.17 -14.19 -0.34
N VAL A 76 3.26 -13.95 -1.63
CA VAL A 76 2.09 -13.52 -2.38
C VAL A 76 0.95 -14.50 -2.25
N ASP A 77 1.20 -15.78 -2.51
CA ASP A 77 0.06 -16.69 -2.57
C ASP A 77 -0.63 -16.84 -1.18
N GLY A 78 0.17 -16.87 -0.13
CA GLY A 78 -0.37 -17.00 1.25
C GLY A 78 -1.16 -15.74 1.59
N LEU A 79 -0.78 -14.58 1.02
CA LEU A 79 -1.58 -13.34 1.21
C LEU A 79 -2.94 -13.42 0.52
N TYR A 80 -3.01 -13.98 -0.70
CA TYR A 80 -4.34 -14.16 -1.32
C TYR A 80 -5.16 -15.15 -0.45
N LYS A 81 -4.52 -16.20 0.06
CA LYS A 81 -5.21 -17.12 0.89
C LYS A 81 -5.76 -16.47 2.21
N MET A 82 -5.10 -15.43 2.71
CA MET A 82 -5.60 -14.73 3.88
C MET A 82 -6.88 -13.94 3.54
N GLY A 83 -7.21 -13.77 2.25
CA GLY A 83 -8.53 -13.07 1.95
C GLY A 83 -8.30 -11.71 1.29
N PHE A 84 -7.06 -11.29 1.11
CA PHE A 84 -6.81 -9.96 0.39
C PHE A 84 -7.30 -9.99 -1.04
N GLY A 85 -8.00 -8.95 -1.49
CA GLY A 85 -8.49 -8.85 -2.91
C GLY A 85 -7.34 -8.51 -3.88
N PHE A 86 -6.22 -8.03 -3.33
CA PHE A 86 -5.08 -7.70 -4.22
C PHE A 86 -3.85 -7.61 -3.33
N VAL A 87 -2.68 -7.85 -3.91
CA VAL A 87 -1.44 -7.87 -3.12
C VAL A 87 -0.47 -6.87 -3.67
N GLU A 88 0.19 -6.05 -2.86
CA GLU A 88 1.29 -5.19 -3.40
C GLU A 88 2.59 -5.62 -2.77
N ILE A 89 3.66 -5.86 -3.53
CA ILE A 89 4.90 -6.13 -2.87
C ILE A 89 5.88 -5.02 -3.03
N GLY A 90 6.98 -5.07 -2.24
CA GLY A 90 7.96 -3.98 -2.33
C GLY A 90 7.93 -3.12 -1.02
N SER A 91 8.68 -2.00 -0.99
CA SER A 91 9.34 -1.46 -2.18
C SER A 91 10.61 -2.24 -2.55
N VAL A 92 10.86 -2.39 -3.86
CA VAL A 92 12.07 -3.05 -4.35
C VAL A 92 13.02 -2.02 -4.98
N THR A 93 14.32 -2.07 -4.64
CA THR A 93 15.32 -1.16 -5.18
C THR A 93 16.13 -1.91 -6.29
N PRO A 94 16.78 -1.17 -7.17
CA PRO A 94 17.44 -1.85 -8.35
C PRO A 94 18.50 -2.82 -7.84
N LYS A 95 19.44 -2.37 -7.00
CA LYS A 95 20.42 -3.30 -6.39
C LYS A 95 19.98 -3.71 -4.99
N PRO A 96 20.45 -4.88 -4.50
CA PRO A 96 20.23 -5.24 -3.10
C PRO A 96 20.81 -4.23 -2.18
N GLN A 97 20.17 -4.02 -1.06
CA GLN A 97 20.82 -3.16 -0.08
C GLN A 97 20.31 -3.51 1.30
N GLU A 98 21.11 -3.24 2.32
CA GLU A 98 20.69 -3.66 3.66
C GLU A 98 19.63 -2.80 4.42
N GLY A 99 19.53 -1.52 4.10
CA GLY A 99 18.56 -0.69 4.85
C GLY A 99 19.27 -0.11 6.09
N ASN A 100 18.53 0.56 7.00
CA ASN A 100 19.17 1.12 8.23
C ASN A 100 19.64 0.16 9.24
N PRO A 101 20.59 0.60 10.11
CA PRO A 101 21.01 -0.20 11.27
C PRO A 101 19.83 -0.57 12.18
N ARG A 102 19.84 -1.72 12.83
CA ARG A 102 18.88 -2.00 13.85
C ARG A 102 19.14 -1.29 15.25
N PRO A 103 18.11 -1.27 16.15
CA PRO A 103 16.68 -1.58 15.85
C PRO A 103 16.07 -0.52 14.90
N ARG A 104 15.11 -0.94 14.06
CA ARG A 104 14.53 0.02 13.14
C ARG A 104 13.04 -0.07 12.96
N VAL A 105 12.36 -0.75 13.89
CA VAL A 105 10.90 -0.78 13.89
C VAL A 105 10.43 -0.86 15.36
N PHE A 106 9.35 -0.19 15.72
CA PHE A 106 8.96 0.06 17.17
C PHE A 106 7.43 -0.01 17.24
N ARG A 107 6.92 -0.72 18.23
CA ARG A 107 5.47 -0.87 18.37
C ARG A 107 5.03 0.16 19.38
N LEU A 108 3.81 0.72 19.18
CA LEU A 108 3.21 1.71 20.11
C LEU A 108 1.83 1.14 20.43
N PRO A 109 1.83 0.05 21.24
CA PRO A 109 0.52 -0.64 21.44
C PRO A 109 -0.56 0.29 22.07
N GLU A 110 -0.21 1.24 22.92
CA GLU A 110 -1.29 2.05 23.48
C GLU A 110 -1.88 2.97 22.41
N ASP A 111 -1.17 3.14 21.26
CA ASP A 111 -1.74 3.96 20.21
C ASP A 111 -2.22 3.15 18.99
N GLN A 112 -2.12 1.83 19.07
CA GLN A 112 -2.28 0.95 17.93
C GLN A 112 -1.53 1.52 16.72
N ALA A 113 -0.23 1.79 16.91
CA ALA A 113 0.60 2.41 15.92
C ALA A 113 1.97 1.68 15.82
N VAL A 114 2.73 1.95 14.74
CA VAL A 114 4.05 1.46 14.58
C VAL A 114 4.90 2.62 14.09
N ILE A 115 6.20 2.68 14.47
CA ILE A 115 7.05 3.62 13.79
C ILE A 115 8.18 2.78 13.15
N ASN A 116 8.49 3.01 11.88
CA ASN A 116 9.59 2.26 11.26
C ASN A 116 10.58 3.19 10.56
N ARG A 117 11.87 2.79 10.49
CA ARG A 117 12.81 3.48 9.68
C ARG A 117 13.70 2.37 8.99
N TYR A 118 13.03 1.43 8.30
CA TYR A 118 13.77 0.33 7.61
C TYR A 118 14.80 0.87 6.64
N GLY A 119 14.46 1.90 5.86
CA GLY A 119 15.33 2.49 4.86
C GLY A 119 15.41 1.57 3.58
N PHE A 120 14.34 0.88 3.19
CA PHE A 120 14.33 0.15 1.87
C PHE A 120 15.39 -0.96 1.91
N ASN A 121 15.29 -1.83 2.90
CA ASN A 121 16.01 -3.10 2.92
C ASN A 121 15.37 -3.88 1.75
N SER A 122 16.16 -4.29 0.77
CA SER A 122 15.60 -4.91 -0.42
C SER A 122 16.57 -5.97 -0.98
N HIS A 123 16.04 -7.09 -1.37
CA HIS A 123 16.88 -8.06 -2.07
C HIS A 123 17.21 -7.64 -3.51
N GLY A 124 16.56 -6.59 -4.06
CA GLY A 124 16.95 -6.05 -5.37
C GLY A 124 16.06 -6.66 -6.49
N LEU A 125 16.03 -5.98 -7.61
CA LEU A 125 15.16 -6.29 -8.75
C LEU A 125 15.36 -7.71 -9.25
N SER A 126 16.62 -8.12 -9.40
CA SER A 126 16.92 -9.44 -10.02
C SER A 126 16.34 -10.62 -9.22
N VAL A 127 16.54 -10.55 -7.89
CA VAL A 127 16.03 -11.59 -7.06
C VAL A 127 14.50 -11.60 -7.12
N VAL A 128 13.88 -10.45 -7.03
CA VAL A 128 12.40 -10.44 -7.04
C VAL A 128 11.86 -10.82 -8.45
N GLU A 129 12.57 -10.41 -9.51
CA GLU A 129 12.18 -10.84 -10.88
C GLU A 129 12.15 -12.34 -10.99
N HIS A 130 13.20 -13.00 -10.51
CA HIS A 130 13.11 -14.43 -10.56
C HIS A 130 12.01 -15.05 -9.76
N ARG A 131 11.77 -14.50 -8.57
CA ARG A 131 10.70 -15.05 -7.76
C ARG A 131 9.32 -14.87 -8.44
N LEU A 132 9.04 -13.71 -9.03
CA LEU A 132 7.78 -13.58 -9.70
C LEU A 132 7.69 -14.40 -10.98
N ARG A 133 8.78 -14.52 -11.72
CA ARG A 133 8.69 -15.34 -12.96
C ARG A 133 8.35 -16.80 -12.61
N ALA A 134 8.81 -17.25 -11.46
CA ALA A 134 8.57 -18.70 -11.09
C ALA A 134 7.11 -18.95 -10.89
N ARG A 135 6.31 -17.89 -10.73
CA ARG A 135 4.86 -18.11 -10.60
C ARG A 135 4.03 -17.17 -11.52
N GLN A 136 4.64 -16.75 -12.64
CA GLN A 136 4.04 -15.70 -13.50
C GLN A 136 2.71 -16.19 -14.10
N GLN A 137 2.65 -17.47 -14.56
CA GLN A 137 1.41 -17.93 -15.16
C GLN A 137 0.31 -18.18 -14.13
N LYS A 138 0.71 -18.60 -12.96
CA LYS A 138 -0.26 -18.75 -11.87
C LYS A 138 -0.84 -17.33 -11.51
N GLN A 139 0.00 -16.30 -11.54
CA GLN A 139 -0.51 -14.92 -11.27
C GLN A 139 -1.39 -14.44 -12.42
N ALA A 140 -1.09 -14.85 -13.67
CA ALA A 140 -1.96 -14.44 -14.77
C ALA A 140 -3.36 -14.99 -14.56
N LYS A 141 -3.49 -16.20 -14.00
CA LYS A 141 -4.83 -16.71 -13.79
C LYS A 141 -5.52 -16.08 -12.56
N LEU A 142 -4.76 -15.93 -11.47
CA LEU A 142 -5.27 -15.15 -10.29
C LEU A 142 -5.80 -13.77 -10.75
N THR A 143 -5.00 -13.04 -11.49
CA THR A 143 -5.42 -11.72 -11.99
C THR A 143 -6.78 -11.76 -12.77
N GLU A 144 -6.81 -12.63 -13.78
CA GLU A 144 -8.08 -12.90 -14.52
C GLU A 144 -9.22 -13.33 -13.61
N ASP A 145 -8.95 -14.02 -12.52
CA ASP A 145 -9.99 -14.32 -11.58
C ASP A 145 -10.34 -13.18 -10.57
N GLY A 146 -9.76 -11.98 -10.73
CA GLY A 146 -10.08 -10.88 -9.82
C GLY A 146 -9.08 -10.65 -8.67
N LEU A 147 -7.86 -11.16 -8.79
CA LEU A 147 -6.84 -11.03 -7.68
C LEU A 147 -5.50 -10.47 -8.24
N PRO A 148 -5.46 -9.16 -8.58
CA PRO A 148 -4.32 -8.52 -9.16
C PRO A 148 -3.11 -8.31 -8.22
N LEU A 149 -1.96 -8.10 -8.87
CA LEU A 149 -0.67 -7.99 -8.17
C LEU A 149 -0.08 -6.61 -8.46
N GLY A 150 0.30 -5.84 -7.43
CA GLY A 150 1.02 -4.58 -7.72
C GLY A 150 2.48 -4.76 -7.26
N VAL A 151 3.37 -3.98 -7.87
CA VAL A 151 4.75 -3.98 -7.46
C VAL A 151 5.14 -2.52 -7.16
N ASN A 152 5.75 -2.30 -6.00
CA ASN A 152 6.08 -0.93 -5.59
C ASN A 152 7.64 -0.75 -5.72
N LEU A 153 8.06 0.33 -6.41
CA LEU A 153 9.45 0.57 -6.73
C LEU A 153 10.05 1.65 -5.86
N GLY A 154 11.25 1.43 -5.37
CA GLY A 154 12.04 2.43 -4.65
C GLY A 154 13.38 2.68 -5.36
N LYS A 155 14.24 3.40 -4.68
CA LYS A 155 15.50 3.78 -5.30
C LYS A 155 16.61 3.50 -4.31
N ASN A 156 17.78 3.14 -4.82
CA ASN A 156 18.83 2.85 -3.91
C ASN A 156 19.35 4.12 -3.19
N LYS A 157 19.89 3.87 -2.02
CA LYS A 157 20.43 4.94 -1.16
C LYS A 157 21.55 5.76 -1.84
N THR A 158 22.48 5.12 -2.51
CA THR A 158 23.64 5.83 -3.10
C THR A 158 23.39 6.13 -4.59
N SER A 159 22.18 5.93 -5.09
CA SER A 159 21.99 6.12 -6.50
C SER A 159 22.17 7.59 -6.81
N VAL A 160 22.76 7.91 -7.96
CA VAL A 160 22.90 9.31 -8.29
C VAL A 160 21.76 9.86 -9.18
N ASP A 161 20.96 8.99 -9.78
CA ASP A 161 20.00 9.45 -10.72
C ASP A 161 18.68 8.71 -10.39
N ALA A 162 17.78 9.39 -9.69
CA ALA A 162 16.63 8.73 -9.16
C ALA A 162 15.82 8.19 -10.30
N ALA A 163 15.68 8.98 -11.36
CA ALA A 163 14.75 8.58 -12.42
C ALA A 163 15.29 7.35 -13.12
N GLU A 164 16.59 7.18 -13.23
CA GLU A 164 17.07 5.94 -13.82
C GLU A 164 16.79 4.73 -12.92
N ASP A 165 16.85 4.87 -11.57
CA ASP A 165 16.46 3.72 -10.70
C ASP A 165 14.99 3.33 -11.00
N TYR A 166 14.06 4.31 -11.06
CA TYR A 166 12.69 3.90 -11.26
C TYR A 166 12.54 3.30 -12.65
N ALA A 167 13.15 3.89 -13.65
CA ALA A 167 13.01 3.35 -14.99
C ALA A 167 13.51 1.88 -15.06
N GLU A 168 14.57 1.54 -14.34
CA GLU A 168 15.08 0.14 -14.29
C GLU A 168 14.00 -0.75 -13.67
N GLY A 169 13.32 -0.25 -12.64
CA GLY A 169 12.29 -1.11 -12.03
C GLY A 169 11.14 -1.31 -12.99
N VAL A 170 10.78 -0.29 -13.78
CA VAL A 170 9.65 -0.49 -14.73
C VAL A 170 10.08 -1.50 -15.78
N ARG A 171 11.31 -1.39 -16.26
CA ARG A 171 11.77 -2.33 -17.31
C ARG A 171 11.82 -3.80 -16.80
N VAL A 172 12.28 -3.99 -15.54
CA VAL A 172 12.51 -5.32 -14.98
C VAL A 172 11.24 -5.91 -14.41
N LEU A 173 10.49 -5.11 -13.59
CA LEU A 173 9.33 -5.74 -12.95
C LEU A 173 8.02 -5.29 -13.55
N GLY A 174 8.02 -4.21 -14.34
CA GLY A 174 6.77 -3.88 -15.06
C GLY A 174 6.09 -4.99 -15.82
N PRO A 175 6.88 -5.87 -16.47
CA PRO A 175 6.23 -6.95 -17.27
C PRO A 175 5.59 -8.02 -16.39
N LEU A 176 5.85 -7.95 -15.07
CA LEU A 176 5.27 -8.97 -14.19
C LEU A 176 4.17 -8.43 -13.26
N ALA A 177 3.75 -7.18 -13.46
CA ALA A 177 2.84 -6.53 -12.48
C ALA A 177 1.55 -6.08 -13.17
N ASP A 178 0.42 -6.12 -12.49
CA ASP A 178 -0.75 -5.45 -12.98
C ASP A 178 -0.65 -3.96 -12.80
N TYR A 179 0.00 -3.49 -11.72
CA TYR A 179 0.24 -2.05 -11.60
C TYR A 179 1.57 -1.86 -10.94
N LEU A 180 2.20 -0.72 -11.19
CA LEU A 180 3.48 -0.43 -10.56
C LEU A 180 3.24 0.82 -9.71
N VAL A 181 4.04 0.98 -8.65
CA VAL A 181 3.91 2.17 -7.79
C VAL A 181 5.23 2.87 -7.79
N VAL A 182 5.21 4.16 -8.13
CA VAL A 182 6.41 4.97 -7.96
C VAL A 182 6.33 5.57 -6.56
N ASN A 183 7.17 5.04 -5.68
CA ASN A 183 7.05 5.43 -4.30
C ASN A 183 7.98 6.60 -4.11
N VAL A 184 7.43 7.80 -4.10
CA VAL A 184 8.29 8.94 -3.83
C VAL A 184 8.00 9.54 -2.40
N SER A 185 7.57 8.71 -1.45
CA SER A 185 7.06 9.26 -0.18
C SER A 185 7.62 8.54 1.04
N SER A 186 8.57 7.56 0.88
CA SER A 186 9.20 7.00 2.05
C SER A 186 9.82 8.14 2.88
N PRO A 187 9.57 8.15 4.18
CA PRO A 187 10.30 9.19 4.91
C PRO A 187 11.72 8.78 5.34
N ASN A 188 12.20 7.62 4.94
CA ASN A 188 13.45 7.01 5.50
C ASN A 188 14.63 6.90 4.52
N THR A 189 14.50 7.58 3.39
CA THR A 189 15.63 7.73 2.40
C THR A 189 15.82 9.26 2.13
N ALA A 190 17.02 9.79 2.41
CA ALA A 190 17.34 11.24 2.38
C ALA A 190 17.00 11.81 1.02
N GLY A 191 16.29 12.94 0.94
CA GLY A 191 15.94 13.55 -0.36
C GLY A 191 14.76 12.93 -1.14
N LEU A 192 14.28 11.73 -0.78
CA LEU A 192 13.27 11.04 -1.61
C LEU A 192 11.98 11.88 -1.76
N ARG A 193 11.47 12.42 -0.65
CA ARG A 193 10.18 13.13 -0.67
C ARG A 193 10.19 14.40 -1.51
N SER A 194 11.37 14.95 -1.69
CA SER A 194 11.56 16.11 -2.61
C SER A 194 11.26 15.72 -4.09
N LEU A 195 11.24 14.41 -4.43
CA LEU A 195 10.73 13.98 -5.74
C LEU A 195 9.24 14.28 -5.95
N GLN A 196 8.56 14.63 -4.86
CA GLN A 196 7.15 14.97 -4.96
C GLN A 196 6.98 16.42 -5.47
N GLY A 197 8.02 17.23 -5.42
CA GLY A 197 7.85 18.64 -5.92
C GLY A 197 7.47 18.68 -7.41
N LYS A 198 6.75 19.73 -7.85
CA LYS A 198 6.31 19.82 -9.26
C LYS A 198 7.30 19.47 -10.41
N ALA A 199 8.43 20.17 -10.47
CA ALA A 199 9.36 19.94 -11.60
C ALA A 199 10.02 18.52 -11.57
N GLU A 200 10.53 18.11 -10.42
CA GLU A 200 11.10 16.78 -10.20
C GLU A 200 10.13 15.70 -10.55
N LEU A 201 8.91 15.82 -10.04
CA LEU A 201 7.90 14.78 -10.22
C LEU A 201 7.57 14.73 -11.74
N ARG A 202 7.40 15.88 -12.37
CA ARG A 202 6.97 15.83 -13.75
C ARG A 202 8.05 15.12 -14.59
N ARG A 203 9.29 15.46 -14.33
CA ARG A 203 10.35 14.91 -15.15
C ARG A 203 10.50 13.40 -14.86
N LEU A 204 10.37 13.05 -13.57
CA LEU A 204 10.52 11.66 -13.19
C LEU A 204 9.36 10.85 -13.79
N LEU A 205 8.10 11.32 -13.64
CA LEU A 205 7.00 10.56 -14.17
C LEU A 205 6.95 10.46 -15.72
N THR A 206 7.39 11.51 -16.41
CA THR A 206 7.47 11.43 -17.90
C THR A 206 8.38 10.27 -18.31
N LYS A 207 9.56 10.20 -17.71
CA LYS A 207 10.45 9.12 -17.99
C LYS A 207 9.91 7.69 -17.60
N VAL A 208 9.29 7.58 -16.40
CA VAL A 208 8.57 6.37 -16.07
C VAL A 208 7.51 5.95 -17.07
N LEU A 209 6.64 6.89 -17.46
CA LEU A 209 5.58 6.53 -18.37
C LEU A 209 6.15 6.17 -19.79
N GLN A 210 7.18 6.84 -20.24
CA GLN A 210 7.77 6.46 -21.55
C GLN A 210 8.28 5.02 -21.47
N GLU A 211 8.98 4.68 -20.38
CA GLU A 211 9.46 3.31 -20.21
C GLU A 211 8.32 2.34 -20.20
N ARG A 212 7.21 2.65 -19.49
CA ARG A 212 6.09 1.74 -19.38
C ARG A 212 5.42 1.55 -20.74
N ASP A 213 5.35 2.63 -21.50
CA ASP A 213 4.60 2.55 -22.76
C ASP A 213 5.41 1.72 -23.82
N GLY A 214 6.73 1.60 -23.61
CA GLY A 214 7.61 0.80 -24.49
C GLY A 214 7.49 -0.69 -24.19
N LEU A 215 6.70 -1.07 -23.19
CA LEU A 215 6.48 -2.54 -22.96
C LEU A 215 5.42 -3.11 -23.88
N ARG A 216 5.51 -4.41 -24.20
CA ARG A 216 4.46 -5.00 -25.01
C ARG A 216 3.11 -4.98 -24.26
N ARG A 217 2.04 -4.96 -25.05
CA ARG A 217 0.69 -4.67 -24.55
C ARG A 217 0.24 -5.60 -23.42
N VAL A 218 0.46 -6.93 -23.52
CA VAL A 218 0.02 -7.75 -22.42
C VAL A 218 0.89 -7.63 -21.17
N HIS A 219 2.06 -6.99 -21.25
CA HIS A 219 2.91 -6.76 -20.11
C HIS A 219 2.95 -5.30 -19.71
N ARG A 220 1.94 -4.55 -20.06
CA ARG A 220 2.01 -3.08 -19.81
C ARG A 220 1.18 -2.72 -18.56
N PRO A 221 1.84 -2.39 -17.41
CA PRO A 221 1.08 -2.22 -16.15
C PRO A 221 0.42 -0.78 -16.08
N ALA A 222 -0.62 -0.61 -15.26
CA ALA A 222 -0.97 0.77 -14.85
C ALA A 222 0.18 1.35 -13.96
N VAL A 223 0.28 2.67 -13.91
CA VAL A 223 1.27 3.29 -13.07
C VAL A 223 0.62 4.28 -12.08
N LEU A 224 0.96 4.15 -10.79
CA LEU A 224 0.44 4.91 -9.71
C LEU A 224 1.58 5.59 -9.00
N VAL A 225 1.27 6.70 -8.30
CA VAL A 225 2.30 7.40 -7.53
C VAL A 225 1.78 7.36 -6.09
N LYS A 226 2.65 6.97 -5.20
CA LYS A 226 2.31 6.93 -3.81
C LYS A 226 2.89 8.17 -3.08
N ILE A 227 2.01 8.87 -2.37
CA ILE A 227 2.38 10.14 -1.84
C ILE A 227 2.28 10.11 -0.27
N ALA A 228 2.87 11.10 0.35
CA ALA A 228 2.91 11.25 1.77
C ALA A 228 1.66 11.97 2.31
N PRO A 229 1.41 11.81 3.62
CA PRO A 229 0.33 12.49 4.33
C PRO A 229 0.76 13.89 4.79
N ASP A 230 2.02 14.26 4.56
CA ASP A 230 2.58 15.46 5.16
C ASP A 230 2.74 16.62 4.13
N LEU A 231 1.96 16.65 3.07
CA LEU A 231 2.30 17.57 1.95
C LEU A 231 1.64 18.85 2.31
N THR A 232 2.17 19.98 1.86
CA THR A 232 1.43 21.25 1.98
C THR A 232 0.26 21.30 0.96
N SER A 233 -0.62 22.30 1.11
CA SER A 233 -1.69 22.52 0.15
C SER A 233 -1.12 22.74 -1.24
N GLN A 234 -0.01 23.49 -1.31
CA GLN A 234 0.65 23.82 -2.59
C GLN A 234 1.20 22.51 -3.27
N ASP A 235 1.79 21.63 -2.45
CA ASP A 235 2.29 20.35 -2.96
C ASP A 235 1.18 19.50 -3.56
N LYS A 236 0.04 19.41 -2.85
CA LYS A 236 -1.05 18.60 -3.33
C LYS A 236 -1.62 19.13 -4.66
N GLU A 237 -1.76 20.45 -4.73
CA GLU A 237 -2.25 21.10 -5.98
C GLU A 237 -1.31 20.77 -7.13
N ASP A 238 0.01 20.85 -6.89
CA ASP A 238 1.04 20.53 -7.92
C ASP A 238 1.03 19.09 -8.36
N ILE A 239 0.84 18.17 -7.39
CA ILE A 239 0.71 16.76 -7.72
C ILE A 239 -0.51 16.51 -8.58
N ALA A 240 -1.65 17.06 -8.16
CA ALA A 240 -2.85 16.86 -8.94
C ALA A 240 -2.65 17.36 -10.36
N SER A 241 -2.05 18.53 -10.51
CA SER A 241 -1.89 19.06 -11.85
C SER A 241 -0.93 18.16 -12.74
N VAL A 242 0.18 17.72 -12.18
CA VAL A 242 1.10 16.86 -12.93
C VAL A 242 0.42 15.54 -13.33
N VAL A 243 -0.30 14.96 -12.38
CA VAL A 243 -0.99 13.74 -12.59
C VAL A 243 -2.05 13.84 -13.75
N LYS A 244 -2.76 14.95 -13.81
CA LYS A 244 -3.69 15.14 -14.95
C LYS A 244 -2.94 15.46 -16.21
N GLU A 245 -1.93 16.27 -16.12
CA GLU A 245 -1.19 16.64 -17.31
C GLU A 245 -0.58 15.37 -18.00
N LEU A 246 -0.14 14.36 -17.21
CA LEU A 246 0.60 13.20 -17.76
C LEU A 246 -0.27 11.97 -18.00
N GLY A 247 -1.51 12.00 -17.52
CA GLY A 247 -2.35 10.81 -17.60
C GLY A 247 -1.80 9.65 -16.70
N ILE A 248 -1.20 9.97 -15.57
CA ILE A 248 -0.94 8.95 -14.54
C ILE A 248 -2.21 8.14 -14.20
N ASP A 249 -2.14 6.82 -14.05
CA ASP A 249 -3.32 6.04 -13.90
C ASP A 249 -3.97 6.08 -12.48
N GLY A 250 -3.22 6.40 -11.43
CA GLY A 250 -3.91 6.47 -10.10
C GLY A 250 -2.91 6.93 -9.03
N LEU A 251 -3.41 7.10 -7.81
CA LEU A 251 -2.59 7.54 -6.69
C LEU A 251 -2.78 6.54 -5.52
N ILE A 252 -1.72 6.36 -4.75
CA ILE A 252 -1.79 5.66 -3.47
C ILE A 252 -1.66 6.72 -2.38
N VAL A 253 -2.62 6.76 -1.46
CA VAL A 253 -2.70 7.90 -0.48
C VAL A 253 -3.04 7.23 0.84
N THR A 254 -2.12 7.06 1.78
CA THR A 254 -0.83 7.68 1.86
C THR A 254 0.21 6.77 2.44
N ASN A 255 1.44 7.19 2.35
CA ASN A 255 2.48 6.56 3.10
C ASN A 255 2.42 6.92 4.62
N THR A 256 3.51 6.57 5.37
CA THR A 256 3.53 6.89 6.83
C THR A 256 3.84 8.38 7.04
N THR A 257 3.49 8.88 8.24
CA THR A 257 3.74 10.31 8.52
C THR A 257 5.00 10.54 9.40
N VAL A 258 5.70 11.61 9.10
CA VAL A 258 6.77 12.06 9.94
C VAL A 258 6.23 12.97 11.07
N SER A 259 4.94 13.29 11.02
CA SER A 259 4.36 14.12 12.10
C SER A 259 4.20 13.22 13.36
N ARG A 260 3.91 13.84 14.52
CA ARG A 260 3.64 13.07 15.72
C ARG A 260 2.46 13.82 16.34
N PRO A 261 1.25 13.43 15.98
CA PRO A 261 -0.01 14.03 16.45
C PRO A 261 -0.03 14.12 17.95
N ALA A 262 -0.66 15.17 18.45
CA ALA A 262 -0.74 15.38 19.90
C ALA A 262 -1.49 14.15 20.45
N GLY A 263 -1.08 13.69 21.64
CA GLY A 263 -1.77 12.67 22.37
C GLY A 263 -1.20 11.27 22.25
N LEU A 264 -0.20 11.02 21.43
CA LEU A 264 0.47 9.73 21.40
C LEU A 264 0.97 9.34 22.78
N GLN A 265 0.70 8.12 23.23
CA GLN A 265 1.09 7.68 24.59
C GLN A 265 2.27 6.70 24.59
N GLY A 266 2.52 6.04 23.43
CA GLY A 266 3.56 5.00 23.38
C GLY A 266 4.89 5.54 23.93
N ALA A 267 5.60 4.74 24.71
CA ALA A 267 6.92 5.21 25.20
C ALA A 267 7.88 5.55 24.05
N LEU A 268 7.73 4.86 22.89
CA LEU A 268 8.67 5.05 21.76
C LEU A 268 8.17 6.10 20.79
N ARG A 269 7.27 7.03 21.18
CA ARG A 269 6.67 7.98 20.22
C ARG A 269 7.66 8.94 19.64
N SER A 270 8.83 9.12 20.30
CA SER A 270 9.85 10.04 19.74
C SER A 270 10.97 9.37 18.98
N GLU A 271 10.88 8.06 18.74
CA GLU A 271 11.83 7.41 17.74
C GLU A 271 11.65 8.12 16.35
N THR A 272 12.76 8.35 15.61
CA THR A 272 12.71 8.71 14.22
C THR A 272 12.01 7.64 13.31
N GLY A 273 11.28 8.11 12.28
CA GLY A 273 10.74 7.16 11.29
C GLY A 273 9.27 7.52 10.95
N GLY A 274 8.68 6.72 10.11
CA GLY A 274 7.32 6.97 9.65
C GLY A 274 6.41 6.29 10.65
N LEU A 275 5.36 7.01 11.05
CA LEU A 275 4.33 6.52 11.93
C LEU A 275 3.13 5.98 11.12
N SER A 276 2.66 4.77 11.47
CA SER A 276 1.50 4.15 10.78
C SER A 276 0.41 3.75 11.83
N GLY A 277 -0.75 3.22 11.38
CA GLY A 277 -1.80 2.72 12.25
C GLY A 277 -2.75 3.87 12.66
N LYS A 278 -3.45 3.68 13.77
CA LYS A 278 -4.58 4.58 14.05
C LYS A 278 -4.30 6.03 14.04
N PRO A 279 -3.14 6.51 14.59
CA PRO A 279 -2.96 7.94 14.62
C PRO A 279 -2.85 8.60 13.19
N LEU A 280 -2.61 7.80 12.13
CA LEU A 280 -2.41 8.34 10.77
C LEU A 280 -3.86 8.30 10.10
N ARG A 281 -4.82 7.61 10.69
CA ARG A 281 -5.98 7.21 9.95
C ARG A 281 -6.70 8.47 9.35
N ASP A 282 -7.01 9.49 10.15
CA ASP A 282 -7.80 10.61 9.56
C ASP A 282 -6.98 11.63 8.73
N LEU A 283 -5.70 11.79 9.05
CA LEU A 283 -4.81 12.56 8.21
C LEU A 283 -4.80 11.91 6.76
N SER A 284 -4.79 10.57 6.71
CA SER A 284 -4.83 9.85 5.39
C SER A 284 -6.18 10.05 4.71
N THR A 285 -7.27 9.80 5.44
CA THR A 285 -8.57 10.00 4.85
C THR A 285 -8.73 11.46 4.33
N GLN A 286 -8.24 12.46 5.07
CA GLN A 286 -8.38 13.85 4.60
C GLN A 286 -7.55 14.06 3.33
N THR A 287 -6.37 13.45 3.24
CA THR A 287 -5.57 13.58 2.02
C THR A 287 -6.26 12.94 0.79
N ILE A 288 -6.91 11.83 1.01
CA ILE A 288 -7.73 11.15 -0.05
C ILE A 288 -8.88 12.10 -0.48
N ARG A 289 -9.55 12.70 0.50
CA ARG A 289 -10.62 13.62 0.16
C ARG A 289 -10.14 14.78 -0.70
N GLU A 290 -9.03 15.41 -0.29
CA GLU A 290 -8.52 16.56 -1.04
C GLU A 290 -8.01 16.07 -2.45
N MET A 291 -7.31 14.89 -2.55
CA MET A 291 -6.74 14.54 -3.89
C MET A 291 -7.88 14.18 -4.90
N TYR A 292 -8.93 13.58 -4.38
CA TYR A 292 -10.10 13.20 -5.15
C TYR A 292 -10.78 14.48 -5.71
N ALA A 293 -11.02 15.49 -4.82
CA ALA A 293 -11.55 16.79 -5.31
C ALA A 293 -10.63 17.46 -6.34
N LEU A 294 -9.30 17.58 -6.10
CA LEU A 294 -8.45 18.27 -7.02
C LEU A 294 -8.34 17.53 -8.37
N THR A 295 -8.62 16.23 -8.40
CA THR A 295 -8.57 15.45 -9.67
C THR A 295 -9.93 15.18 -10.28
N GLN A 296 -10.95 15.79 -9.68
CA GLN A 296 -12.33 15.76 -10.15
C GLN A 296 -12.87 14.41 -10.16
N GLY A 297 -12.44 13.57 -9.22
CA GLY A 297 -12.94 12.22 -9.23
C GLY A 297 -12.50 11.33 -10.43
N ARG A 298 -11.57 11.76 -11.24
CA ARG A 298 -11.28 11.04 -12.48
C ARG A 298 -9.99 10.21 -12.35
N VAL A 299 -9.32 10.24 -11.19
CA VAL A 299 -8.05 9.48 -11.05
C VAL A 299 -8.28 8.51 -9.88
N PRO A 300 -8.26 7.20 -10.15
CA PRO A 300 -8.50 6.19 -9.13
C PRO A 300 -7.48 6.36 -7.95
N ILE A 301 -7.95 6.25 -6.74
CA ILE A 301 -7.13 6.36 -5.56
C ILE A 301 -7.15 5.08 -4.75
N ILE A 302 -6.01 4.60 -4.33
CA ILE A 302 -6.05 3.47 -3.38
C ILE A 302 -5.74 4.14 -1.98
N GLY A 303 -6.67 3.96 -1.06
CA GLY A 303 -6.67 4.64 0.23
C GLY A 303 -5.96 3.77 1.27
N VAL A 304 -5.00 4.34 2.02
CA VAL A 304 -4.29 3.44 2.94
C VAL A 304 -3.85 4.29 4.15
N GLY A 305 -3.89 3.72 5.35
CA GLY A 305 -3.45 4.47 6.57
C GLY A 305 -4.48 4.33 7.70
N GLY A 306 -4.16 3.41 8.65
CA GLY A 306 -4.97 3.23 9.87
C GLY A 306 -6.26 2.50 9.63
N VAL A 307 -6.35 1.64 8.61
CA VAL A 307 -7.63 0.92 8.44
C VAL A 307 -7.63 -0.34 9.28
N SER A 308 -8.57 -0.47 10.22
CA SER A 308 -8.67 -1.73 10.95
C SER A 308 -10.09 -2.24 11.06
N SER A 309 -11.02 -1.61 10.37
CA SER A 309 -12.48 -2.02 10.45
C SER A 309 -13.23 -1.64 9.18
N GLY A 310 -14.48 -2.09 9.09
CA GLY A 310 -15.30 -1.83 7.98
C GLY A 310 -15.57 -0.34 7.90
N GLN A 311 -15.87 0.26 9.04
CA GLN A 311 -16.11 1.71 9.02
C GLN A 311 -14.90 2.49 8.55
N ASP A 312 -13.69 2.10 8.96
CA ASP A 312 -12.51 2.78 8.47
C ASP A 312 -12.35 2.67 6.90
N ALA A 313 -12.61 1.48 6.38
CA ALA A 313 -12.57 1.27 4.90
C ALA A 313 -13.60 2.12 4.18
N LEU A 314 -14.83 2.11 4.73
CA LEU A 314 -15.88 2.87 4.07
C LEU A 314 -15.67 4.34 4.18
N GLU A 315 -15.07 4.83 5.29
CA GLU A 315 -14.80 6.25 5.25
C GLU A 315 -13.90 6.65 4.12
N LYS A 316 -12.84 5.88 3.93
CA LYS A 316 -11.89 6.21 2.84
C LYS A 316 -12.56 6.06 1.47
N ILE A 317 -13.44 5.06 1.37
CA ILE A 317 -14.20 4.82 0.16
C ILE A 317 -15.04 6.04 -0.19
N ARG A 318 -15.93 6.44 0.72
CA ARG A 318 -16.74 7.67 0.48
C ARG A 318 -15.93 8.93 0.28
N ALA A 319 -14.71 9.03 0.83
CA ALA A 319 -13.88 10.25 0.61
C ALA A 319 -13.28 10.25 -0.79
N GLY A 320 -13.34 9.07 -1.45
CA GLY A 320 -12.86 8.99 -2.86
C GLY A 320 -11.98 7.80 -3.20
N ALA A 321 -11.72 6.91 -2.27
CA ALA A 321 -10.88 5.77 -2.62
C ALA A 321 -11.68 4.71 -3.40
N SER A 322 -11.11 4.14 -4.48
CA SER A 322 -11.77 2.94 -5.10
C SER A 322 -11.38 1.64 -4.46
N LEU A 323 -10.18 1.60 -3.82
CA LEU A 323 -9.72 0.40 -3.15
C LEU A 323 -9.01 0.89 -1.84
N VAL A 324 -8.84 -0.04 -0.91
CA VAL A 324 -8.05 0.33 0.30
C VAL A 324 -7.03 -0.74 0.59
N GLN A 325 -6.07 -0.37 1.42
CA GLN A 325 -5.07 -1.29 1.87
C GLN A 325 -4.82 -1.14 3.38
N LEU A 326 -4.26 -2.20 4.00
CA LEU A 326 -3.83 -2.06 5.40
C LEU A 326 -2.53 -2.83 5.64
N TYR A 327 -1.82 -2.43 6.67
CA TYR A 327 -0.68 -3.23 7.11
C TYR A 327 -0.73 -3.27 8.64
N THR A 328 -0.65 -2.13 9.26
CA THR A 328 -0.40 -2.03 10.72
C THR A 328 -1.46 -2.81 11.54
N ALA A 329 -2.70 -2.84 11.10
CA ALA A 329 -3.75 -3.52 11.85
C ALA A 329 -3.51 -5.04 11.89
N LEU A 330 -2.88 -5.55 10.83
CA LEU A 330 -2.50 -6.97 10.80
C LEU A 330 -1.49 -7.30 11.89
N THR A 331 -0.56 -6.39 12.15
CA THR A 331 0.41 -6.63 13.19
C THR A 331 -0.22 -6.61 14.55
N PHE A 332 -1.37 -5.98 14.75
CA PHE A 332 -2.01 -6.08 16.05
C PHE A 332 -3.09 -7.14 16.13
N TRP A 333 -3.87 -7.32 15.06
CA TRP A 333 -5.05 -8.20 15.15
C TRP A 333 -4.79 -9.55 14.50
N GLY A 334 -3.76 -9.63 13.68
CA GLY A 334 -3.47 -10.82 12.89
C GLY A 334 -4.45 -11.03 11.76
N PRO A 335 -4.35 -12.19 11.10
CA PRO A 335 -5.13 -12.55 9.90
C PRO A 335 -6.66 -12.36 10.01
N PRO A 336 -7.26 -12.60 11.20
CA PRO A 336 -8.71 -12.44 11.11
C PRO A 336 -9.16 -11.04 10.80
N VAL A 337 -8.30 -10.04 10.92
CA VAL A 337 -8.75 -8.65 10.64
C VAL A 337 -9.23 -8.51 9.19
N VAL A 338 -8.67 -9.33 8.29
CA VAL A 338 -9.03 -9.16 6.86
C VAL A 338 -10.50 -9.50 6.64
N GLY A 339 -10.96 -10.65 7.12
CA GLY A 339 -12.39 -10.97 6.90
C GLY A 339 -13.30 -10.05 7.76
N LYS A 340 -12.78 -9.66 8.93
CA LYS A 340 -13.51 -8.68 9.73
C LYS A 340 -13.78 -7.38 8.95
N VAL A 341 -12.75 -6.80 8.29
CA VAL A 341 -12.91 -5.54 7.55
C VAL A 341 -13.98 -5.78 6.47
N LYS A 342 -13.84 -6.93 5.77
CA LYS A 342 -14.74 -7.19 4.61
C LYS A 342 -16.19 -7.39 5.06
N ARG A 343 -16.37 -8.21 6.08
CA ARG A 343 -17.78 -8.49 6.53
C ARG A 343 -18.40 -7.19 7.10
N GLU A 344 -17.62 -6.39 7.82
CA GLU A 344 -18.22 -5.13 8.32
C GLU A 344 -18.49 -4.15 7.20
N LEU A 345 -17.62 -4.15 6.18
CA LEU A 345 -17.81 -3.19 5.11
C LEU A 345 -19.10 -3.51 4.33
N GLU A 346 -19.26 -4.77 4.03
CA GLU A 346 -20.44 -5.22 3.36
C GLU A 346 -21.74 -4.91 4.16
N ALA A 347 -21.75 -5.16 5.48
CA ALA A 347 -22.91 -4.81 6.33
C ALA A 347 -23.20 -3.30 6.30
N LEU A 348 -22.14 -2.44 6.34
CA LEU A 348 -22.37 -0.96 6.27
C LEU A 348 -22.89 -0.45 4.92
N LEU A 349 -22.36 -1.03 3.82
CA LEU A 349 -22.86 -0.68 2.48
C LEU A 349 -24.38 -0.97 2.45
N LYS A 350 -24.77 -2.12 2.96
CA LYS A 350 -26.22 -2.48 2.96
C LYS A 350 -26.97 -1.49 3.85
N GLU A 351 -26.48 -1.30 5.08
CA GLU A 351 -27.13 -0.35 5.97
C GLU A 351 -27.27 1.04 5.40
N GLN A 352 -26.30 1.51 4.59
CA GLN A 352 -26.35 2.88 4.13
C GLN A 352 -27.03 2.99 2.76
N GLY A 353 -27.46 1.87 2.19
CA GLY A 353 -28.23 1.93 0.95
C GLY A 353 -27.42 2.01 -0.34
N PHE A 354 -26.16 1.56 -0.29
CA PHE A 354 -25.38 1.39 -1.50
C PHE A 354 -25.57 0.02 -2.13
N GLY A 355 -25.65 -0.05 -3.46
CA GLY A 355 -25.70 -1.33 -4.17
C GLY A 355 -24.41 -2.14 -4.08
N GLY A 356 -23.26 -1.47 -3.99
CA GLY A 356 -21.96 -2.19 -3.79
C GLY A 356 -20.92 -1.12 -3.57
N VAL A 357 -19.67 -1.54 -3.40
CA VAL A 357 -18.60 -0.67 -3.18
C VAL A 357 -18.64 0.38 -4.22
N THR A 358 -18.85 0.01 -5.49
CA THR A 358 -18.69 1.01 -6.54
C THR A 358 -19.60 2.23 -6.41
N ASP A 359 -20.79 2.03 -5.93
CA ASP A 359 -21.68 3.19 -5.76
C ASP A 359 -21.27 4.13 -4.58
N ALA A 360 -20.51 3.64 -3.61
CA ALA A 360 -20.05 4.43 -2.47
C ALA A 360 -18.81 5.26 -2.81
N ILE A 361 -18.03 4.88 -3.86
CA ILE A 361 -16.80 5.62 -4.15
C ILE A 361 -16.99 7.13 -4.33
N GLY A 362 -16.41 7.96 -3.48
CA GLY A 362 -16.59 9.42 -3.63
C GLY A 362 -17.99 9.92 -3.18
N ALA A 363 -18.82 9.09 -2.57
CA ALA A 363 -20.18 9.54 -2.18
C ALA A 363 -20.24 10.72 -1.24
N ASP A 364 -19.20 10.97 -0.42
CA ASP A 364 -19.28 12.17 0.48
C ASP A 364 -19.26 13.43 -0.37
N HIS A 365 -18.69 13.39 -1.59
CA HIS A 365 -18.50 14.61 -2.41
C HIS A 365 -19.82 14.97 -3.14
N ARG A 366 -20.76 14.04 -3.13
CA ARG A 366 -22.08 14.20 -3.79
C ARG A 366 -23.18 14.55 -2.80
N ARG A 367 -22.91 14.64 -1.50
CA ARG A 367 -23.89 15.29 -0.58
C ARG A 367 -23.70 16.80 -0.46
N1 FMN B . 5.20 1.77 1.94
C2 FMN B . 5.87 1.65 0.75
O2 FMN B . 5.44 2.22 -0.22
N3 FMN B . 7.03 0.86 0.63
C4 FMN B . 7.56 0.21 1.70
O4 FMN B . 8.63 -0.43 1.49
C4A FMN B . 6.91 0.30 2.95
N5 FMN B . 7.43 -0.31 4.10
C5A FMN B . 6.73 -0.25 5.30
C6 FMN B . 7.24 -0.93 6.42
C7 FMN B . 6.54 -0.93 7.63
C7M FMN B . 6.91 -1.86 8.81
C8 FMN B . 5.31 -0.22 7.67
C8M FMN B . 4.44 -0.28 8.92
C9 FMN B . 4.85 0.49 6.58
C9A FMN B . 5.54 0.46 5.37
N10 FMN B . 5.03 1.17 4.23
C10 FMN B . 5.72 1.11 3.03
C1' FMN B . 3.86 2.03 4.35
C2' FMN B . 2.57 1.21 4.20
O2' FMN B . 2.52 0.64 2.87
C3' FMN B . 1.31 2.10 4.43
O3' FMN B . 1.36 3.18 3.44
C4' FMN B . 1.36 2.77 5.88
O4' FMN B . 1.94 1.89 6.80
C5' FMN B . -0.05 3.21 6.27
O5' FMN B . -0.95 2.02 6.35
P FMN B . -1.25 1.24 7.76
O1P FMN B . -0.03 0.47 8.18
O2P FMN B . -2.43 0.33 7.47
O3P FMN B . -1.55 2.33 8.75
N1 ORO C . 9.02 2.75 5.45
C2 ORO C . 7.90 3.49 5.24
O2 ORO C . 7.17 3.78 6.21
N3 ORO C . 7.51 3.82 3.98
C4 ORO C . 8.25 3.46 2.89
O4 ORO C . 7.84 3.84 1.79
C5 ORO C . 9.49 2.77 3.05
C6 ORO C . 9.76 2.39 4.37
C7 ORO C . 11.11 1.80 4.68
O71 ORO C . 11.69 1.02 3.95
O72 ORO C . 11.76 2.48 5.56
CAN MD7 D . 7.30 -5.10 11.16
CAO MD7 D . 6.35 -4.55 12.28
CAW MD7 D . 5.75 -5.33 11.13
CAS MD7 D . 5.01 -6.65 11.59
OAC MD7 D . 4.48 -7.41 10.57
CAR MD7 D . 4.73 -7.18 13.07
CAD MD7 D . 5.15 -6.63 14.33
NAA MD7 D . 5.39 -6.31 15.41
CAQ MD7 D . 3.87 -8.49 13.24
OAB MD7 D . 3.55 -8.92 14.36
NAP MD7 D . 3.37 -8.95 12.10
CAT MD7 D . 2.63 -10.06 11.94
CAK MD7 D . 2.76 -11.11 12.86
CAM MD7 D . 2.00 -12.26 12.59
CAJ MD7 D . 1.75 -10.16 10.83
CAL MD7 D . 0.98 -11.32 10.57
CAV MD7 D . 1.09 -12.35 11.51
CAU MD7 D . 0.51 -13.59 11.31
CAH MD7 D . 0.65 -14.04 9.98
CAF MD7 D . 0.22 -15.31 9.63
CAE MD7 D . -0.31 -16.17 10.60
CAG MD7 D . -0.40 -15.75 11.94
CAI MD7 D . 0.06 -14.46 12.32
S SO4 E . 3.80 -11.63 -25.04
O1 SO4 E . 4.10 -12.32 -23.77
O2 SO4 E . 4.02 -10.16 -25.01
O3 SO4 E . 4.70 -12.32 -25.97
O4 SO4 E . 2.42 -11.92 -25.37
#